data_7NJA
#
_entry.id   7NJA
#
_cell.length_a   82.400
_cell.length_b   112.101
_cell.length_c   62.622
_cell.angle_alpha   90.000
_cell.angle_beta   90.000
_cell.angle_gamma   90.000
#
_symmetry.space_group_name_H-M   'C 2 2 21'
#
loop_
_entity.id
_entity.type
_entity.pdbx_description
1 polymer '14-3-3 protein sigma'
2 polymer 'Peptidyl-prolyl cis-trans isomerase NIMA-interacting 1'
3 non-polymer [4-(2-phenylimidazol-1-yl)phenyl]methanol
4 non-polymer 'CHLORIDE ION'
5 water water
#
loop_
_entity_poly.entity_id
_entity_poly.type
_entity_poly.pdbx_seq_one_letter_code
_entity_poly.pdbx_strand_id
1 'polypeptide(L)'
;GAMGSMERASLIQKAKLAEQAERYEDMAAFMKGAVEKGEELS(CSO)EERNLLSVAYKNVVGGQRAAWRVLSSIEQKSNE
EGSEEKGPEVREYREKVETELQGVCDTVLGLLDSHLIKEAGDAESRVFYLKMKGDYYRYLAEVATGDDKKRIIDSARSAY
QEAMDISKKEMPPTNPIRLGLALNFSVFHYEIANSPEEAISLAKTTFDEAMADLHTLSEDSYKDSTLIMQLLRDNLTLWT
ADNAGEEGGEAPQEPQS
;
A
2 'polypeptide(L)' LVKHSQSRRPS(SEP)WRQEK P
#
# COMPACT_ATOMS: atom_id res chain seq x y z
N ALA A 2 -12.49 16.16 11.92
CA ALA A 2 -13.78 15.62 12.35
C ALA A 2 -13.67 14.98 13.73
N MET A 3 -12.49 14.46 14.05
CA MET A 3 -12.28 13.65 15.26
C MET A 3 -11.54 14.43 16.34
N GLY A 4 -11.53 15.76 16.23
CA GLY A 4 -10.66 16.55 17.08
C GLY A 4 -11.04 16.54 18.54
N SER A 5 -12.32 16.29 18.85
CA SER A 5 -12.77 16.29 20.24
C SER A 5 -12.66 14.91 20.91
N MET A 6 -12.30 13.85 20.19
CA MET A 6 -12.12 12.53 20.81
C MET A 6 -10.67 12.30 21.25
N GLU A 7 -10.50 11.64 22.41
CA GLU A 7 -9.19 11.25 22.89
C GLU A 7 -8.46 10.37 21.88
N ARG A 8 -7.15 10.57 21.75
CA ARG A 8 -6.35 9.67 20.93
C ARG A 8 -6.64 8.20 21.26
N ALA A 9 -6.57 7.84 22.55
CA ALA A 9 -6.69 6.42 22.90
C ALA A 9 -8.07 5.89 22.53
N SER A 10 -9.09 6.73 22.61
CA SER A 10 -10.43 6.29 22.22
C SER A 10 -10.51 6.07 20.72
N LEU A 11 -9.89 6.96 19.95
CA LEU A 11 -9.82 6.77 18.50
C LEU A 11 -9.16 5.44 18.15
N ILE A 12 -8.07 5.10 18.85
CA ILE A 12 -7.39 3.84 18.57
C ILE A 12 -8.28 2.67 18.96
N GLN A 13 -8.89 2.75 20.15
CA GLN A 13 -9.81 1.70 20.59
C GLN A 13 -10.95 1.49 19.61
N LYS A 14 -11.55 2.58 19.11
CA LYS A 14 -12.67 2.45 18.18
C LYS A 14 -12.21 1.97 16.81
N ALA A 15 -10.99 2.34 16.41
CA ALA A 15 -10.38 1.78 15.20
C ALA A 15 -10.35 0.26 15.26
N LYS A 16 -9.95 -0.30 16.40
CA LYS A 16 -9.91 -1.75 16.52
C LYS A 16 -11.31 -2.35 16.48
N LEU A 17 -12.27 -1.68 17.12
CA LEU A 17 -13.66 -2.12 17.09
C LEU A 17 -14.23 -2.10 15.68
N ALA A 18 -13.94 -1.05 14.92
CA ALA A 18 -14.45 -0.99 13.55
C ALA A 18 -13.83 -2.08 12.67
N GLU A 19 -12.56 -2.43 12.92
CA GLU A 19 -11.96 -3.57 12.23
C GLU A 19 -12.73 -4.85 12.52
N GLN A 20 -13.05 -5.09 13.80
CA GLN A 20 -13.80 -6.30 14.14
C GLN A 20 -15.17 -6.31 13.49
N ALA A 21 -15.77 -5.14 13.33
CA ALA A 21 -17.08 -5.02 12.73
C ALA A 21 -17.00 -4.90 11.22
N GLU A 22 -15.80 -4.92 10.66
CA GLU A 22 -15.58 -4.78 9.22
C GLU A 22 -16.14 -3.47 8.69
N ARG A 23 -15.96 -2.41 9.48
CA ARG A 23 -16.41 -1.06 9.13
C ARG A 23 -15.17 -0.23 8.81
N TYR A 24 -14.64 -0.44 7.60
CA TYR A 24 -13.28 0.05 7.34
C TYR A 24 -13.28 1.55 7.05
N GLU A 25 -14.37 2.08 6.54
N GLU A 25 -14.37 2.08 6.53
CA GLU A 25 -14.47 3.53 6.39
CA GLU A 25 -14.46 3.53 6.39
C GLU A 25 -14.41 4.21 7.74
C GLU A 25 -14.41 4.21 7.75
N ASP A 26 -15.15 3.68 8.72
CA ASP A 26 -15.05 4.19 10.09
C ASP A 26 -13.64 4.04 10.62
N MET A 27 -13.08 2.85 10.42
CA MET A 27 -11.72 2.59 10.89
C MET A 27 -10.72 3.58 10.32
N ALA A 28 -10.85 3.89 9.04
CA ALA A 28 -9.95 4.85 8.44
C ALA A 28 -10.15 6.23 9.04
N ALA A 29 -11.39 6.63 9.27
CA ALA A 29 -11.65 7.95 9.83
C ALA A 29 -11.11 8.05 11.25
N PHE A 30 -11.25 6.98 12.05
CA PHE A 30 -10.68 6.96 13.39
C PHE A 30 -9.14 7.07 13.35
N MET A 31 -8.49 6.32 12.45
CA MET A 31 -7.03 6.38 12.40
C MET A 31 -6.55 7.72 11.85
N LYS A 32 -7.28 8.30 10.89
CA LYS A 32 -6.97 9.66 10.46
C LYS A 32 -6.99 10.61 11.65
N GLY A 33 -8.06 10.55 12.45
CA GLY A 33 -8.15 11.39 13.64
C GLY A 33 -6.98 11.17 14.58
N ALA A 34 -6.59 9.91 14.79
CA ALA A 34 -5.43 9.62 15.64
C ALA A 34 -4.16 10.22 15.06
N VAL A 35 -3.93 10.05 13.76
CA VAL A 35 -2.74 10.65 13.16
C VAL A 35 -2.73 12.17 13.39
N GLU A 36 -3.88 12.81 13.22
CA GLU A 36 -3.95 14.27 13.33
C GLU A 36 -3.76 14.77 14.77
N LYS A 37 -3.73 13.87 15.76
CA LYS A 37 -3.30 14.28 17.09
C LYS A 37 -1.86 14.78 17.13
N GLY A 38 -1.02 14.42 16.15
CA GLY A 38 0.32 14.96 16.04
C GLY A 38 1.42 14.10 16.63
N GLU A 39 1.07 13.05 17.37
CA GLU A 39 2.05 12.15 17.94
C GLU A 39 2.44 11.09 16.93
N GLU A 40 3.66 10.59 17.07
CA GLU A 40 4.09 9.50 16.20
C GLU A 40 3.22 8.26 16.50
N LEU A 41 3.21 7.33 15.56
CA LEU A 41 2.42 6.11 15.68
C LEU A 41 3.32 4.95 16.06
N SER A 42 2.84 4.14 17.00
CA SER A 42 3.47 2.88 17.33
C SER A 42 3.37 1.86 16.18
N GLU A 44 1.94 -1.07 16.14
CA GLU A 44 0.58 -1.57 16.02
C GLU A 44 -0.37 -0.53 15.39
N GLU A 45 -0.18 0.74 15.77
CA GLU A 45 -1.00 1.82 15.23
C GLU A 45 -0.75 2.04 13.73
N ARG A 46 0.51 1.95 13.29
CA ARG A 46 0.79 2.04 11.86
C ARG A 46 0.08 0.94 11.09
N ASN A 47 0.06 -0.28 11.64
CA ASN A 47 -0.68 -1.35 10.98
C ASN A 47 -2.15 -1.02 10.88
N LEU A 48 -2.74 -0.46 11.95
CA LEU A 48 -4.17 -0.16 11.93
C LEU A 48 -4.49 0.86 10.85
N LEU A 49 -3.65 1.89 10.75
CA LEU A 49 -3.82 2.90 9.72
C LEU A 49 -3.76 2.25 8.35
N SER A 50 -2.77 1.38 8.16
CA SER A 50 -2.58 0.78 6.84
C SER A 50 -3.73 -0.16 6.49
N VAL A 51 -4.16 -0.98 7.43
CA VAL A 51 -5.24 -1.92 7.17
C VAL A 51 -6.52 -1.18 6.82
N ALA A 52 -6.76 -0.06 7.49
CA ALA A 52 -8.02 0.64 7.28
C ALA A 52 -8.09 1.17 5.85
N TYR A 53 -7.06 1.90 5.43
CA TYR A 53 -7.10 2.55 4.15
C TYR A 53 -6.90 1.55 3.01
N LYS A 54 -6.17 0.45 3.23
CA LYS A 54 -6.01 -0.54 2.17
C LYS A 54 -7.35 -1.18 1.86
N ASN A 55 -8.15 -1.42 2.88
CA ASN A 55 -9.47 -1.99 2.68
C ASN A 55 -10.41 -1.00 2.01
N VAL A 56 -10.37 0.27 2.43
CA VAL A 56 -11.24 1.26 1.80
C VAL A 56 -10.89 1.40 0.32
N VAL A 57 -9.61 1.66 0.03
N VAL A 57 -9.62 1.68 0.02
CA VAL A 57 -9.19 1.85 -1.35
CA VAL A 57 -9.21 1.85 -1.36
C VAL A 57 -9.26 0.55 -2.13
C VAL A 57 -9.36 0.54 -2.13
N GLY A 58 -9.20 -0.59 -1.44
CA GLY A 58 -9.30 -1.87 -2.14
C GLY A 58 -10.67 -2.06 -2.75
N GLY A 59 -11.73 -1.68 -2.03
CA GLY A 59 -13.07 -1.77 -2.58
C GLY A 59 -13.32 -0.77 -3.70
N GLN A 60 -12.73 0.42 -3.59
CA GLN A 60 -12.84 1.39 -4.66
C GLN A 60 -12.11 0.91 -5.91
N ARG A 61 -10.95 0.25 -5.74
CA ARG A 61 -10.25 -0.22 -6.93
C ARG A 61 -11.01 -1.35 -7.59
N ALA A 62 -11.56 -2.26 -6.80
CA ALA A 62 -12.34 -3.36 -7.33
C ALA A 62 -13.55 -2.83 -8.10
N ALA A 63 -14.22 -1.80 -7.56
CA ALA A 63 -15.38 -1.22 -8.26
C ALA A 63 -14.94 -0.48 -9.52
N TRP A 64 -13.84 0.27 -9.44
CA TRP A 64 -13.33 0.96 -10.62
C TRP A 64 -13.04 -0.03 -11.75
N ARG A 65 -12.49 -1.20 -11.42
N ARG A 65 -12.49 -1.20 -11.42
CA ARG A 65 -12.14 -2.16 -12.45
CA ARG A 65 -12.14 -2.17 -12.45
C ARG A 65 -13.39 -2.74 -13.10
C ARG A 65 -13.39 -2.74 -13.10
N VAL A 66 -14.41 -3.05 -12.31
CA VAL A 66 -15.67 -3.54 -12.87
C VAL A 66 -16.26 -2.51 -13.83
N LEU A 67 -16.27 -1.23 -13.42
CA LEU A 67 -16.88 -0.17 -14.23
C LEU A 67 -16.05 0.15 -15.46
N SER A 68 -14.73 0.21 -15.32
CA SER A 68 -13.88 0.51 -16.47
C SER A 68 -13.93 -0.62 -17.50
N SER A 69 -14.13 -1.86 -17.05
CA SER A 69 -14.33 -2.97 -17.96
C SER A 69 -15.65 -2.85 -18.71
N ILE A 70 -16.73 -2.49 -17.99
CA ILE A 70 -17.98 -2.24 -18.69
C ILE A 70 -17.81 -1.11 -19.69
N GLU A 71 -17.16 -0.03 -19.26
CA GLU A 71 -16.97 1.15 -20.10
C GLU A 71 -16.22 0.79 -21.37
N GLN A 72 -15.18 -0.04 -21.26
CA GLN A 72 -14.40 -0.46 -22.43
C GLN A 72 -15.25 -1.29 -23.38
N LYS A 73 -15.98 -2.28 -22.84
CA LYS A 73 -16.82 -3.12 -23.68
C LYS A 73 -17.85 -2.30 -24.46
N SER A 74 -18.23 -1.12 -23.97
CA SER A 74 -19.22 -0.30 -24.64
C SER A 74 -18.61 0.72 -25.60
N ASN A 75 -17.33 1.02 -25.47
CA ASN A 75 -16.68 2.03 -26.31
C ASN A 75 -15.57 1.43 -27.17
N GLY A 83 -24.91 5.93 -23.99
CA GLY A 83 -25.10 7.06 -23.09
C GLY A 83 -23.91 7.33 -22.19
N PRO A 84 -23.91 8.49 -21.53
CA PRO A 84 -22.77 8.87 -20.70
C PRO A 84 -22.74 8.23 -19.32
N GLU A 85 -23.70 7.36 -18.98
CA GLU A 85 -23.87 6.94 -17.59
C GLU A 85 -22.69 6.12 -17.10
N VAL A 86 -22.19 5.19 -17.90
CA VAL A 86 -21.10 4.34 -17.45
C VAL A 86 -19.85 5.17 -17.24
N ARG A 87 -19.52 6.04 -18.20
CA ARG A 87 -18.38 6.93 -17.99
C ARG A 87 -18.58 7.78 -16.76
N GLU A 88 -19.77 8.36 -16.60
CA GLU A 88 -20.01 9.26 -15.48
C GLU A 88 -19.81 8.54 -14.16
N TYR A 89 -20.33 7.33 -14.05
CA TYR A 89 -20.24 6.62 -12.78
C TYR A 89 -18.82 6.13 -12.52
N ARG A 90 -18.14 5.63 -13.55
CA ARG A 90 -16.71 5.31 -13.40
C ARG A 90 -15.93 6.54 -12.92
N GLU A 91 -16.26 7.72 -13.47
CA GLU A 91 -15.57 8.96 -13.04
C GLU A 91 -15.89 9.31 -11.60
N LYS A 92 -17.11 9.03 -11.15
CA LYS A 92 -17.48 9.31 -9.77
C LYS A 92 -16.66 8.45 -8.82
N VAL A 93 -16.64 7.14 -9.07
CA VAL A 93 -15.85 6.22 -8.26
C VAL A 93 -14.37 6.58 -8.31
N GLU A 94 -13.88 6.89 -9.51
CA GLU A 94 -12.47 7.23 -9.69
C GLU A 94 -12.13 8.49 -8.91
N THR A 95 -13.02 9.47 -8.90
CA THR A 95 -12.77 10.68 -8.14
C THR A 95 -12.74 10.39 -6.65
N GLU A 96 -13.63 9.50 -6.18
N GLU A 96 -13.62 9.51 -6.18
CA GLU A 96 -13.67 9.17 -4.77
CA GLU A 96 -13.66 9.17 -4.77
C GLU A 96 -12.41 8.42 -4.35
C GLU A 96 -12.40 8.43 -4.35
N LEU A 97 -11.93 7.53 -5.21
CA LEU A 97 -10.68 6.82 -4.97
C LEU A 97 -9.52 7.78 -4.87
N GLN A 98 -9.43 8.73 -5.80
CA GLN A 98 -8.35 9.71 -5.79
C GLN A 98 -8.39 10.54 -4.52
N GLY A 99 -9.60 10.89 -4.07
CA GLY A 99 -9.72 11.61 -2.82
C GLY A 99 -9.15 10.84 -1.64
N VAL A 100 -9.41 9.53 -1.58
CA VAL A 100 -8.87 8.75 -0.48
C VAL A 100 -7.36 8.62 -0.60
N CYS A 101 -6.83 8.44 -1.82
CA CYS A 101 -5.38 8.39 -1.95
C CYS A 101 -4.73 9.71 -1.55
N ASP A 102 -5.33 10.83 -1.96
CA ASP A 102 -4.79 12.13 -1.58
C ASP A 102 -4.80 12.32 -0.06
N THR A 103 -5.84 11.83 0.60
CA THR A 103 -5.91 11.95 2.05
C THR A 103 -4.79 11.18 2.74
N VAL A 104 -4.53 9.95 2.31
CA VAL A 104 -3.44 9.15 2.88
C VAL A 104 -2.10 9.81 2.63
N LEU A 105 -1.84 10.21 1.38
CA LEU A 105 -0.60 10.90 1.06
C LEU A 105 -0.46 12.18 1.87
N GLY A 106 -1.58 12.87 2.09
CA GLY A 106 -1.53 14.06 2.92
C GLY A 106 -1.13 13.76 4.34
N LEU A 107 -1.61 12.63 4.89
CA LEU A 107 -1.24 12.28 6.24
C LEU A 107 0.24 11.91 6.31
N LEU A 108 0.72 11.18 5.30
CA LEU A 108 2.13 10.82 5.26
C LEU A 108 3.01 12.06 5.17
N ASP A 109 2.56 13.06 4.42
CA ASP A 109 3.34 14.27 4.22
C ASP A 109 3.20 15.25 5.37
N SER A 110 2.16 15.11 6.19
CA SER A 110 1.81 16.06 7.26
C SER A 110 1.33 15.28 8.50
N HIS A 111 2.26 14.67 9.25
CA HIS A 111 3.70 14.85 9.13
C HIS A 111 4.40 13.54 9.44
N LEU A 112 3.82 12.41 9.00
CA LEU A 112 4.26 11.11 9.47
C LEU A 112 5.69 10.80 9.02
N ILE A 113 6.00 11.11 7.76
CA ILE A 113 7.30 10.72 7.22
C ILE A 113 8.42 11.57 7.82
N LYS A 114 8.21 12.88 7.92
CA LYS A 114 9.31 13.72 8.40
C LYS A 114 9.66 13.43 9.86
N GLU A 115 8.72 12.95 10.66
CA GLU A 115 9.02 12.59 12.06
C GLU A 115 9.47 11.14 12.26
N ALA A 116 9.55 10.32 11.20
CA ALA A 116 9.86 8.90 11.34
C ALA A 116 11.38 8.72 11.21
N GLY A 117 12.04 8.45 12.33
CA GLY A 117 13.49 8.24 12.31
C GLY A 117 13.93 6.78 12.24
N ASP A 118 13.18 5.88 12.85
CA ASP A 118 13.56 4.48 12.85
C ASP A 118 13.30 3.88 11.47
N ALA A 119 14.12 2.91 11.10
CA ALA A 119 13.93 2.25 9.82
C ALA A 119 12.56 1.59 9.71
N GLU A 120 12.06 0.96 10.78
CA GLU A 120 10.77 0.28 10.70
C GLU A 120 9.63 1.24 10.39
N SER A 121 9.65 2.43 10.98
CA SER A 121 8.59 3.39 10.70
C SER A 121 8.81 4.07 9.37
N ARG A 122 10.05 4.44 9.07
CA ARG A 122 10.30 5.19 7.85
C ARG A 122 10.07 4.33 6.61
N VAL A 123 10.57 3.10 6.60
CA VAL A 123 10.28 2.19 5.49
C VAL A 123 8.80 1.94 5.38
N PHE A 124 8.12 1.75 6.52
CA PHE A 124 6.69 1.48 6.48
C PHE A 124 5.93 2.63 5.80
N TYR A 125 6.27 3.89 6.14
CA TYR A 125 5.53 5.02 5.58
C TYR A 125 5.90 5.25 4.13
N LEU A 126 7.17 5.03 3.76
CA LEU A 126 7.56 5.20 2.37
C LEU A 126 6.93 4.14 1.49
N LYS A 127 6.81 2.91 2.01
CA LYS A 127 6.05 1.88 1.30
C LYS A 127 4.61 2.34 1.07
N MET A 128 3.97 2.87 2.12
CA MET A 128 2.59 3.35 1.92
C MET A 128 2.55 4.42 0.85
N LYS A 129 3.52 5.34 0.87
CA LYS A 129 3.53 6.42 -0.10
C LYS A 129 3.59 5.86 -1.51
N GLY A 130 4.50 4.91 -1.75
CA GLY A 130 4.56 4.26 -3.05
C GLY A 130 3.26 3.56 -3.42
N ASP A 131 2.64 2.86 -2.46
CA ASP A 131 1.38 2.16 -2.76
C ASP A 131 0.29 3.13 -3.21
N TYR A 132 0.12 4.25 -2.49
CA TYR A 132 -1.03 5.12 -2.83
C TYR A 132 -0.78 5.92 -4.10
N TYR A 133 0.48 6.24 -4.41
CA TYR A 133 0.79 6.74 -5.75
C TYR A 133 0.58 5.66 -6.81
N ARG A 134 0.89 4.40 -6.50
CA ARG A 134 0.57 3.31 -7.44
C ARG A 134 -0.93 3.27 -7.73
N TYR A 135 -1.76 3.38 -6.70
CA TYR A 135 -3.20 3.35 -6.92
C TYR A 135 -3.64 4.54 -7.75
N LEU A 136 -3.05 5.72 -7.51
CA LEU A 136 -3.32 6.86 -8.37
C LEU A 136 -2.89 6.57 -9.80
N ALA A 137 -1.74 5.90 -9.96
CA ALA A 137 -1.23 5.61 -11.29
C ALA A 137 -2.16 4.67 -12.07
N GLU A 138 -2.80 3.73 -11.36
CA GLU A 138 -3.66 2.76 -12.02
C GLU A 138 -4.81 3.42 -12.78
N VAL A 139 -5.27 4.59 -12.32
CA VAL A 139 -6.40 5.28 -12.93
C VAL A 139 -5.97 6.49 -13.73
N ALA A 140 -4.69 6.82 -13.74
CA ALA A 140 -4.19 8.01 -14.40
C ALA A 140 -4.15 7.83 -15.90
N THR A 141 -4.49 8.92 -16.62
CA THR A 141 -4.50 8.93 -18.08
C THR A 141 -4.06 10.24 -18.70
N GLY A 142 -3.84 11.30 -17.91
CA GLY A 142 -3.54 12.62 -18.42
C GLY A 142 -2.07 12.94 -18.41
N ASP A 143 -1.77 14.24 -18.36
CA ASP A 143 -0.40 14.71 -18.43
C ASP A 143 0.41 14.30 -17.20
N ASP A 144 -0.26 14.10 -16.07
CA ASP A 144 0.42 13.83 -14.81
C ASP A 144 0.67 12.34 -14.57
N LYS A 145 0.31 11.46 -15.51
CA LYS A 145 0.49 10.03 -15.29
C LYS A 145 1.96 9.68 -15.10
N LYS A 146 2.84 10.20 -15.95
CA LYS A 146 4.28 9.91 -15.80
C LYS A 146 4.80 10.44 -14.48
N ARG A 147 4.34 11.62 -14.08
CA ARG A 147 4.82 12.20 -12.84
C ARG A 147 4.34 11.40 -11.63
N ILE A 148 3.11 10.87 -11.70
CA ILE A 148 2.59 10.03 -10.63
C ILE A 148 3.40 8.74 -10.53
N ILE A 149 3.69 8.12 -11.69
CA ILE A 149 4.50 6.90 -11.72
C ILE A 149 5.85 7.16 -11.09
N ASP A 150 6.46 8.30 -11.41
CA ASP A 150 7.78 8.55 -10.84
C ASP A 150 7.70 8.84 -9.35
N SER A 151 6.58 9.40 -8.87
CA SER A 151 6.46 9.60 -7.43
C SER A 151 6.36 8.26 -6.71
N ALA A 152 5.61 7.33 -7.27
CA ALA A 152 5.55 6.00 -6.67
C ALA A 152 6.94 5.37 -6.68
N ARG A 153 7.61 5.41 -7.83
N ARG A 153 7.62 5.43 -7.83
CA ARG A 153 8.95 4.84 -7.95
CA ARG A 153 8.95 4.85 -7.96
C ARG A 153 9.88 5.43 -6.90
C ARG A 153 9.92 5.44 -6.95
N SER A 154 9.87 6.76 -6.78
CA SER A 154 10.80 7.44 -5.90
C SER A 154 10.58 7.04 -4.45
N ALA A 155 9.31 6.92 -4.05
CA ALA A 155 9.03 6.50 -2.67
C ALA A 155 9.49 5.07 -2.43
N TYR A 156 9.13 4.15 -3.33
CA TYR A 156 9.56 2.75 -3.20
C TYR A 156 11.08 2.64 -3.14
N GLN A 157 11.78 3.39 -4.00
CA GLN A 157 13.24 3.30 -4.08
C GLN A 157 13.90 3.77 -2.81
N GLU A 158 13.42 4.87 -2.22
CA GLU A 158 13.97 5.31 -0.93
C GLU A 158 13.71 4.27 0.14
N ALA A 159 12.50 3.71 0.16
CA ALA A 159 12.20 2.64 1.10
C ALA A 159 13.14 1.46 0.91
N MET A 160 13.41 1.09 -0.35
CA MET A 160 14.26 -0.08 -0.59
C MET A 160 15.68 0.17 -0.13
N ASP A 161 16.22 1.35 -0.44
CA ASP A 161 17.57 1.69 0.00
C ASP A 161 17.70 1.58 1.52
N ILE A 162 16.73 2.13 2.26
CA ILE A 162 16.79 2.05 3.72
C ILE A 162 16.67 0.61 4.18
N SER A 163 15.70 -0.13 3.63
CA SER A 163 15.46 -1.48 4.11
C SER A 163 16.66 -2.39 3.87
N LYS A 164 17.37 -2.19 2.77
CA LYS A 164 18.53 -3.04 2.52
C LYS A 164 19.68 -2.70 3.44
N LYS A 165 19.81 -1.42 3.83
CA LYS A 165 20.86 -1.01 4.76
C LYS A 165 20.54 -1.42 6.19
N GLU A 166 19.26 -1.38 6.57
CA GLU A 166 18.87 -1.38 7.98
C GLU A 166 18.09 -2.61 8.43
N MET A 167 17.66 -3.49 7.53
CA MET A 167 16.81 -4.58 7.95
C MET A 167 17.34 -5.90 7.42
N PRO A 168 17.05 -7.01 8.08
CA PRO A 168 17.42 -8.32 7.54
C PRO A 168 16.51 -8.71 6.40
N PRO A 169 16.98 -9.60 5.52
CA PRO A 169 16.20 -9.98 4.33
C PRO A 169 14.85 -10.58 4.62
N THR A 170 14.64 -11.13 5.81
CA THR A 170 13.38 -11.74 6.20
C THR A 170 12.43 -10.76 6.87
N ASN A 171 12.85 -9.53 7.12
CA ASN A 171 11.98 -8.58 7.78
C ASN A 171 10.66 -8.46 7.02
N PRO A 172 9.52 -8.64 7.67
CA PRO A 172 8.23 -8.62 6.93
C PRO A 172 7.95 -7.32 6.18
N ILE A 173 8.32 -6.17 6.73
CA ILE A 173 8.14 -4.90 6.05
C ILE A 173 9.01 -4.84 4.81
N ARG A 174 10.28 -5.25 4.97
CA ARG A 174 11.17 -5.35 3.82
C ARG A 174 10.60 -6.24 2.74
N LEU A 175 10.04 -7.39 3.13
CA LEU A 175 9.51 -8.35 2.16
C LEU A 175 8.24 -7.82 1.49
N GLY A 176 7.34 -7.26 2.28
CA GLY A 176 6.14 -6.65 1.71
C GLY A 176 6.47 -5.47 0.80
N LEU A 177 7.45 -4.66 1.19
CA LEU A 177 7.91 -3.59 0.32
C LEU A 177 8.40 -4.14 -1.02
N ALA A 178 9.21 -5.21 -0.99
CA ALA A 178 9.76 -5.71 -2.24
C ALA A 178 8.69 -6.35 -3.10
N LEU A 179 7.78 -7.09 -2.49
CA LEU A 179 6.62 -7.60 -3.20
C LEU A 179 5.89 -6.50 -3.98
N ASN A 180 5.56 -5.40 -3.28
CA ASN A 180 4.72 -4.36 -3.89
C ASN A 180 5.49 -3.56 -4.93
N PHE A 181 6.79 -3.32 -4.70
CA PHE A 181 7.61 -2.65 -5.70
C PHE A 181 7.72 -3.51 -6.96
N SER A 182 7.68 -4.83 -6.80
CA SER A 182 7.78 -5.68 -7.99
C SER A 182 6.47 -5.68 -8.76
N VAL A 183 5.35 -5.62 -8.04
CA VAL A 183 4.04 -5.40 -8.68
C VAL A 183 4.02 -4.08 -9.42
N PHE A 184 4.55 -3.02 -8.80
CA PHE A 184 4.70 -1.75 -9.49
C PHE A 184 5.44 -1.94 -10.81
N HIS A 185 6.62 -2.55 -10.74
CA HIS A 185 7.40 -2.77 -11.95
C HIS A 185 6.58 -3.47 -13.01
N TYR A 186 5.89 -4.55 -12.62
CA TYR A 186 5.18 -5.37 -13.59
C TYR A 186 3.94 -4.67 -14.13
N GLU A 187 3.17 -4.06 -13.23
CA GLU A 187 1.82 -3.61 -13.55
C GLU A 187 1.76 -2.16 -14.02
N ILE A 188 2.66 -1.32 -13.55
CA ILE A 188 2.59 0.13 -13.78
C ILE A 188 3.69 0.60 -14.69
N ALA A 189 4.92 0.15 -14.45
CA ALA A 189 6.09 0.66 -15.15
C ALA A 189 6.44 -0.15 -16.40
N ASN A 190 5.67 -1.19 -16.73
CA ASN A 190 5.91 -1.98 -17.94
C ASN A 190 7.31 -2.58 -17.94
N SER A 191 7.78 -2.99 -16.76
CA SER A 191 9.12 -3.56 -16.61
C SER A 191 9.02 -4.95 -16.01
N PRO A 192 8.45 -5.90 -16.76
CA PRO A 192 8.26 -7.23 -16.17
C PRO A 192 9.56 -7.92 -15.81
N GLU A 193 10.64 -7.65 -16.52
CA GLU A 193 11.91 -8.28 -16.19
C GLU A 193 12.45 -7.76 -14.87
N GLU A 194 12.34 -6.44 -14.63
CA GLU A 194 12.68 -5.89 -13.33
C GLU A 194 11.80 -6.47 -12.23
N ALA A 195 10.49 -6.63 -12.50
CA ALA A 195 9.59 -7.25 -11.53
C ALA A 195 10.05 -8.66 -11.15
N ILE A 196 10.37 -9.49 -12.16
CA ILE A 196 10.77 -10.87 -11.91
C ILE A 196 12.12 -10.92 -11.18
N SER A 197 13.05 -10.06 -11.56
N SER A 197 13.06 -10.07 -11.57
CA SER A 197 14.38 -10.07 -10.95
CA SER A 197 14.39 -10.09 -10.93
C SER A 197 14.32 -9.70 -9.48
C SER A 197 14.29 -9.72 -9.45
N LEU A 198 13.50 -8.71 -9.14
CA LEU A 198 13.37 -8.31 -7.74
C LEU A 198 12.68 -9.39 -6.93
N ALA A 199 11.62 -9.99 -7.46
CA ALA A 199 10.90 -11.01 -6.70
C ALA A 199 11.80 -12.19 -6.38
N LYS A 200 12.66 -12.56 -7.34
CA LYS A 200 13.53 -13.72 -7.18
C LYS A 200 14.68 -13.45 -6.21
N THR A 201 15.42 -12.36 -6.38
CA THR A 201 16.49 -12.11 -5.41
C THR A 201 15.92 -11.85 -4.01
N THR A 202 14.78 -11.15 -3.92
CA THR A 202 14.13 -11.00 -2.60
C THR A 202 13.82 -12.35 -2.00
N PHE A 203 13.23 -13.26 -2.79
CA PHE A 203 12.88 -14.57 -2.27
C PHE A 203 14.13 -15.36 -1.88
N ASP A 204 15.16 -15.32 -2.74
CA ASP A 204 16.36 -16.12 -2.50
C ASP A 204 17.13 -15.61 -1.29
N GLU A 205 17.25 -14.30 -1.13
CA GLU A 205 17.97 -13.81 0.04
C GLU A 205 17.16 -13.99 1.32
N ALA A 206 15.83 -14.07 1.24
CA ALA A 206 15.08 -14.38 2.46
C ALA A 206 15.26 -15.84 2.84
N MET A 207 15.17 -16.75 1.86
CA MET A 207 15.44 -18.18 2.11
C MET A 207 16.69 -18.37 2.94
N ALA A 208 17.75 -17.65 2.58
CA ALA A 208 19.05 -17.88 3.20
C ALA A 208 19.13 -17.34 4.62
N ASP A 209 18.20 -16.50 5.03
CA ASP A 209 18.22 -15.88 6.35
C ASP A 209 17.18 -16.50 7.28
N LEU A 210 16.39 -17.46 6.78
CA LEU A 210 15.38 -18.10 7.63
C LEU A 210 16.01 -18.82 8.81
N HIS A 211 17.20 -19.37 8.64
CA HIS A 211 17.82 -20.14 9.71
C HIS A 211 18.00 -19.31 10.99
N THR A 212 17.97 -17.99 10.87
CA THR A 212 18.17 -17.13 12.04
C THR A 212 16.89 -16.89 12.83
N LEU A 213 15.72 -17.32 12.34
CA LEU A 213 14.44 -16.91 12.88
C LEU A 213 13.87 -17.91 13.89
N SER A 214 13.06 -17.39 14.80
CA SER A 214 12.18 -18.21 15.63
C SER A 214 11.02 -18.75 14.79
N GLU A 215 10.29 -19.69 15.39
CA GLU A 215 9.15 -20.31 14.71
C GLU A 215 8.11 -19.28 14.29
N ASP A 216 7.82 -18.29 15.15
CA ASP A 216 6.81 -17.30 14.82
C ASP A 216 7.30 -16.34 13.74
N SER A 217 8.54 -15.88 13.85
CA SER A 217 9.10 -15.03 12.80
C SER A 217 9.20 -15.80 11.49
N TYR A 218 9.55 -17.09 11.57
CA TYR A 218 9.59 -17.94 10.39
C TYR A 218 8.23 -17.97 9.71
N LYS A 219 7.16 -18.13 10.49
CA LYS A 219 5.82 -18.12 9.92
C LYS A 219 5.52 -16.78 9.26
N ASP A 220 5.88 -15.67 9.91
CA ASP A 220 5.66 -14.34 9.33
C ASP A 220 6.37 -14.21 7.99
N SER A 221 7.64 -14.61 7.92
CA SER A 221 8.42 -14.35 6.72
C SER A 221 7.99 -15.26 5.56
N THR A 222 7.76 -16.55 5.85
CA THR A 222 7.41 -17.46 4.77
C THR A 222 6.03 -17.20 4.21
N LEU A 223 5.15 -16.58 4.98
CA LEU A 223 3.86 -16.18 4.43
C LEU A 223 4.05 -15.20 3.27
N ILE A 224 4.90 -14.19 3.46
CA ILE A 224 5.08 -13.18 2.41
C ILE A 224 5.95 -13.71 1.28
N MET A 225 6.93 -14.57 1.59
CA MET A 225 7.68 -15.24 0.53
C MET A 225 6.76 -16.04 -0.39
N GLN A 226 5.70 -16.61 0.17
CA GLN A 226 4.80 -17.37 -0.69
C GLN A 226 4.06 -16.45 -1.66
N LEU A 227 3.77 -15.21 -1.27
CA LEU A 227 3.19 -14.30 -2.26
C LEU A 227 4.19 -13.95 -3.36
N LEU A 228 5.48 -13.77 -3.01
CA LEU A 228 6.48 -13.58 -4.06
C LEU A 228 6.52 -14.78 -4.98
N ARG A 229 6.47 -15.99 -4.42
CA ARG A 229 6.51 -17.19 -5.25
C ARG A 229 5.29 -17.26 -6.15
N ASP A 230 4.10 -16.94 -5.62
CA ASP A 230 2.89 -16.98 -6.45
C ASP A 230 3.04 -16.09 -7.67
N ASN A 231 3.60 -14.91 -7.48
CA ASN A 231 3.75 -13.97 -8.59
C ASN A 231 4.76 -14.50 -9.61
N LEU A 232 5.87 -15.03 -9.13
CA LEU A 232 6.88 -15.60 -10.03
C LEU A 232 6.27 -16.70 -10.88
N THR A 233 5.35 -17.47 -10.28
CA THR A 233 4.69 -18.55 -11.01
C THR A 233 3.72 -17.99 -12.04
N LEU A 234 3.05 -16.89 -11.70
CA LEU A 234 2.20 -16.19 -12.65
C LEU A 234 3.01 -15.57 -13.80
N TRP A 235 4.21 -15.07 -13.51
CA TRP A 235 4.94 -14.27 -14.48
C TRP A 235 5.93 -15.06 -15.32
N THR A 236 6.15 -16.33 -14.99
CA THR A 236 7.09 -17.14 -15.74
C THR A 236 6.51 -18.52 -16.06
N ARG B 9 -4.33 -8.46 -10.96
CA ARG B 9 -4.11 -9.89 -11.16
C ARG B 9 -2.95 -10.47 -10.28
N PRO B 10 -1.81 -9.79 -10.17
CA PRO B 10 -0.76 -10.26 -9.27
C PRO B 10 -1.04 -9.85 -7.82
N SER B 11 -0.38 -10.57 -6.91
CA SER B 11 -0.56 -10.33 -5.48
C SER B 11 0.36 -9.25 -4.95
N TRP B 13 0.92 -7.01 -1.11
CA TRP B 13 0.83 -7.51 0.25
C TRP B 13 -0.62 -7.43 0.73
N ARG B 14 -1.10 -8.53 1.29
CA ARG B 14 -2.54 -8.67 1.58
C ARG B 14 -2.87 -8.47 3.06
#